data_8USR
#
_entry.id   8USR
#
_cell.length_a   62.110
_cell.length_b   159.090
_cell.length_c   107.180
_cell.angle_alpha   90.000
_cell.angle_beta   90.000
_cell.angle_gamma   90.000
#
_symmetry.space_group_name_H-M   'C 2 2 21'
#
loop_
_entity.id
_entity.type
_entity.pdbx_description
1 polymer Interleukin-17A
2 non-polymer ~{N}-[(2~{S})-1-[[(1~{S})-1-(8~{a}~{H}-imidazo[1,2-a]pyrimidin-2-yl)ethyl]amino]-1-oxidanylidene-4-phenyl-butan-2-yl]-4,5-bis(chloranyl)-1~{H}-pyrrole-2-carboxamide
3 water water
#
_entity_poly.entity_id   1
_entity_poly.type   'polypeptide(L)'
_entity_poly.pdbx_seq_one_letter_code
;GSAMAPNSEDKNFPRTVMVNLNIHNRNTNTNPKRSSDYYNRSTSPWNLHRNEDPERYPSVIWEAKCRHLGCINADGNVDY
HMNSVPIQQEILVLRREPPHSPNSFRLEKILVSVGCTCVTPIVHHVA
;
_entity_poly.pdbx_strand_id   A,B,C,D
#
loop_
_chem_comp.id
_chem_comp.type
_chem_comp.name
_chem_comp.formula
XCE non-polymer ~{N}-[(2~{S})-1-[[(1~{S})-1-(8~{a}~{H}-imidazo[1,2-a]pyrimidin-2-yl)ethyl]amino]-1-oxidanylidene-4-phenyl-butan-2-yl]-4,5-bis(chloranyl)-1~{H}-pyrrole-2-carboxamide 'C23 H22 Cl2 N6 O2'
#
# COMPACT_ATOMS: atom_id res chain seq x y z
N PHE A 13 -10.60 -37.83 10.46
CA PHE A 13 -9.91 -38.90 9.74
C PHE A 13 -8.59 -38.37 9.11
N PRO A 14 -7.54 -38.24 9.92
CA PRO A 14 -6.33 -37.54 9.46
C PRO A 14 -5.56 -38.28 8.38
N ARG A 15 -4.85 -37.50 7.57
CA ARG A 15 -3.98 -38.00 6.51
C ARG A 15 -2.58 -37.50 6.84
N THR A 16 -1.90 -38.24 7.72
CA THR A 16 -0.68 -37.79 8.34
C THR A 16 0.52 -38.13 7.47
N VAL A 17 1.35 -37.13 7.21
CA VAL A 17 2.63 -37.30 6.54
C VAL A 17 3.70 -36.73 7.48
N MET A 18 4.95 -37.11 7.22
CA MET A 18 6.10 -36.58 7.94
C MET A 18 6.74 -35.45 7.13
N VAL A 19 7.12 -34.38 7.80
CA VAL A 19 7.75 -33.24 7.15
C VAL A 19 9.01 -32.87 7.91
N ASN A 20 10.13 -32.72 7.21
CA ASN A 20 11.35 -32.21 7.83
C ASN A 20 11.38 -30.69 7.64
N LEU A 21 11.45 -29.95 8.75
CA LEU A 21 11.31 -28.50 8.67
C LEU A 21 12.59 -27.80 8.25
N ASN A 22 13.76 -28.40 8.47
CA ASN A 22 15.02 -27.74 8.16
C ASN A 22 15.10 -27.31 6.70
N SER A 36 15.26 -4.40 -2.01
CA SER A 36 14.28 -3.87 -2.95
C SER A 36 13.28 -2.94 -2.27
N ASP A 37 13.15 -1.72 -2.76
CA ASP A 37 12.22 -0.75 -2.19
C ASP A 37 11.07 -0.43 -3.15
N TYR A 38 10.59 -1.45 -3.88
CA TYR A 38 9.41 -1.24 -4.70
C TYR A 38 8.25 -0.69 -3.88
N TYR A 39 8.17 -1.06 -2.60
CA TYR A 39 7.09 -0.59 -1.74
C TYR A 39 7.09 0.92 -1.63
N ASN A 40 8.27 1.55 -1.72
CA ASN A 40 8.38 3.00 -1.62
C ASN A 40 8.34 3.70 -2.96
N ARG A 41 8.88 3.07 -4.01
CA ARG A 41 8.95 3.73 -5.30
C ARG A 41 7.73 3.49 -6.18
N SER A 42 6.82 2.59 -5.78
CA SER A 42 5.65 2.29 -6.59
C SER A 42 4.73 3.51 -6.66
N THR A 43 4.04 3.64 -7.80
CA THR A 43 2.96 4.63 -7.85
C THR A 43 1.75 4.21 -7.02
N SER A 44 1.71 2.95 -6.57
CA SER A 44 0.74 2.47 -5.59
C SER A 44 1.54 1.95 -4.40
N PRO A 45 2.21 2.83 -3.66
CA PRO A 45 3.09 2.37 -2.60
C PRO A 45 2.31 1.77 -1.45
N TRP A 46 3.02 1.00 -0.64
CA TRP A 46 2.39 0.26 0.44
C TRP A 46 3.32 0.23 1.64
N ASN A 47 2.73 -0.09 2.79
CA ASN A 47 3.46 -0.32 4.03
C ASN A 47 3.45 -1.82 4.32
N LEU A 48 4.40 -2.27 5.13
CA LEU A 48 4.54 -3.70 5.42
C LEU A 48 4.24 -3.97 6.90
N HIS A 49 3.20 -4.75 7.11
CA HIS A 49 2.67 -5.12 8.41
C HIS A 49 3.22 -6.49 8.82
N ARG A 50 3.66 -6.59 10.07
CA ARG A 50 4.10 -7.86 10.65
C ARG A 50 2.88 -8.64 11.10
N ASN A 51 2.61 -9.76 10.43
CA ASN A 51 1.53 -10.66 10.78
C ASN A 51 2.19 -11.80 11.55
N GLU A 52 2.02 -11.83 12.87
CA GLU A 52 2.71 -12.79 13.72
C GLU A 52 1.70 -13.68 14.43
N ASP A 53 1.89 -14.99 14.32
CA ASP A 53 0.99 -15.99 14.89
C ASP A 53 1.82 -17.14 15.44
N PRO A 54 1.95 -17.26 16.77
CA PRO A 54 2.76 -18.34 17.34
C PRO A 54 2.20 -19.72 17.09
N GLU A 55 0.91 -19.84 16.73
CA GLU A 55 0.29 -21.11 16.42
C GLU A 55 0.50 -21.53 14.97
N ARG A 56 1.31 -20.81 14.22
CA ARG A 56 1.42 -21.01 12.78
C ARG A 56 2.88 -21.11 12.38
N TYR A 57 3.16 -21.96 11.40
CA TYR A 57 4.46 -21.95 10.78
C TYR A 57 4.29 -21.63 9.30
N PRO A 58 4.99 -20.61 8.77
CA PRO A 58 5.92 -19.70 9.45
C PRO A 58 5.19 -18.79 10.42
N SER A 59 5.80 -18.49 11.57
CA SER A 59 5.14 -17.63 12.55
C SER A 59 4.98 -16.20 12.04
N VAL A 60 5.91 -15.71 11.21
CA VAL A 60 5.87 -14.32 10.74
C VAL A 60 5.65 -14.27 9.23
N ILE A 61 4.60 -13.57 8.82
CA ILE A 61 4.32 -13.25 7.41
C ILE A 61 4.22 -11.74 7.28
N TRP A 62 4.93 -11.17 6.31
CA TRP A 62 4.87 -9.74 6.04
C TRP A 62 3.82 -9.45 4.98
N GLU A 63 2.82 -8.63 5.32
CA GLU A 63 1.70 -8.35 4.43
C GLU A 63 1.65 -6.86 4.08
N ALA A 64 1.09 -6.56 2.91
CA ALA A 64 1.06 -5.20 2.37
C ALA A 64 -0.26 -4.52 2.70
N LYS A 65 -0.19 -3.21 2.95
CA LYS A 65 -1.37 -2.36 3.03
C LYS A 65 -1.09 -1.12 2.19
N CYS A 66 -1.94 -0.88 1.19
CA CYS A 66 -1.70 0.26 0.32
C CYS A 66 -1.77 1.55 1.12
N ARG A 67 -0.86 2.49 0.83
CA ARG A 67 -0.80 3.74 1.60
C ARG A 67 -1.98 4.64 1.29
N HIS A 68 -2.43 4.67 0.04
CA HIS A 68 -3.44 5.63 -0.39
C HIS A 68 -4.51 4.90 -1.18
N LEU A 69 -5.65 5.60 -1.38
CA LEU A 69 -6.69 5.07 -2.25
C LEU A 69 -6.35 5.28 -3.73
N GLY A 70 -5.74 6.41 -4.06
CA GLY A 70 -5.33 6.68 -5.42
C GLY A 70 -3.88 6.29 -5.66
N CYS A 71 -3.35 6.72 -6.79
CA CYS A 71 -1.96 6.46 -7.16
C CYS A 71 -1.19 7.76 -7.23
N ILE A 72 0.14 7.69 -7.05
CA ILE A 72 1.00 8.87 -7.11
C ILE A 72 1.23 9.26 -8.56
N ASN A 73 1.13 10.56 -8.84
CA ASN A 73 1.40 11.05 -10.19
C ASN A 73 2.83 11.58 -10.29
N ALA A 74 3.16 12.13 -11.47
CA ALA A 74 4.52 12.58 -11.75
C ALA A 74 4.97 13.69 -10.81
N ASP A 75 4.03 14.43 -10.23
CA ASP A 75 4.33 15.53 -9.33
C ASP A 75 4.44 15.09 -7.89
N GLY A 76 4.25 13.80 -7.62
CA GLY A 76 4.27 13.30 -6.25
C GLY A 76 2.96 13.40 -5.50
N ASN A 77 1.86 13.75 -6.15
CA ASN A 77 0.58 13.90 -5.46
C ASN A 77 -0.29 12.67 -5.68
N VAL A 78 -1.18 12.42 -4.71
CA VAL A 78 -2.16 11.35 -4.90
C VAL A 78 -3.16 11.77 -5.95
N ASP A 79 -3.30 10.94 -6.98
CA ASP A 79 -4.23 11.13 -8.09
C ASP A 79 -5.33 10.11 -7.90
N TYR A 80 -6.54 10.57 -7.56
CA TYR A 80 -7.63 9.66 -7.24
C TYR A 80 -8.38 9.14 -8.45
N HIS A 81 -8.00 9.52 -9.66
CA HIS A 81 -8.60 8.94 -10.87
C HIS A 81 -8.05 7.56 -11.20
N MET A 82 -7.04 7.10 -10.47
CA MET A 82 -6.52 5.74 -10.49
C MET A 82 -6.66 5.16 -9.08
N ASN A 83 -6.64 3.83 -8.98
CA ASN A 83 -6.82 3.13 -7.71
C ASN A 83 -5.59 2.31 -7.33
N SER A 84 -5.04 2.56 -6.13
CA SER A 84 -4.10 1.62 -5.53
C SER A 84 -4.88 0.40 -5.04
N VAL A 85 -4.52 -0.80 -5.51
CA VAL A 85 -5.22 -2.01 -5.05
C VAL A 85 -4.21 -3.06 -4.61
N PRO A 86 -4.56 -3.90 -3.64
CA PRO A 86 -3.62 -4.92 -3.16
C PRO A 86 -3.57 -6.11 -4.09
N ILE A 87 -2.35 -6.59 -4.33
CA ILE A 87 -2.07 -7.84 -5.03
C ILE A 87 -2.16 -8.97 -4.01
N GLN A 88 -3.13 -9.87 -4.16
CA GLN A 88 -3.33 -10.94 -3.19
C GLN A 88 -3.15 -12.33 -3.79
N GLN A 89 -2.83 -13.29 -2.91
CA GLN A 89 -2.74 -14.69 -3.30
C GLN A 89 -3.04 -15.58 -2.11
N GLU A 90 -3.30 -16.84 -2.41
CA GLU A 90 -3.59 -17.86 -1.43
C GLU A 90 -2.32 -18.68 -1.25
N ILE A 91 -1.88 -18.85 0.00
CA ILE A 91 -0.64 -19.56 0.25
C ILE A 91 -0.85 -20.63 1.31
N LEU A 92 0.14 -21.51 1.41
CA LEU A 92 0.11 -22.66 2.29
C LEU A 92 0.92 -22.37 3.53
N VAL A 93 0.30 -22.56 4.71
CA VAL A 93 0.99 -22.47 5.98
C VAL A 93 0.62 -23.70 6.80
N LEU A 94 1.30 -23.87 7.94
CA LEU A 94 1.07 -24.98 8.85
C LEU A 94 0.45 -24.44 10.14
N ARG A 95 -0.61 -25.07 10.61
CA ARG A 95 -1.29 -24.64 11.83
C ARG A 95 -1.14 -25.73 12.89
N ARG A 96 -0.59 -25.36 14.05
CA ARG A 96 -0.38 -26.31 15.14
C ARG A 96 -1.67 -27.02 15.52
N GLU A 97 -1.59 -28.34 15.60
CA GLU A 97 -2.70 -29.21 16.00
C GLU A 97 -2.19 -30.48 16.66
N PRO A 98 -2.53 -30.70 17.94
CA PRO A 98 -3.37 -29.79 18.72
C PRO A 98 -2.72 -28.42 18.98
N PRO A 99 -3.52 -27.44 19.42
CA PRO A 99 -2.96 -26.12 19.76
C PRO A 99 -1.72 -26.23 20.64
N HIS A 100 -0.71 -25.43 20.31
CA HIS A 100 0.59 -25.35 20.97
C HIS A 100 1.47 -26.57 20.73
N SER A 101 1.06 -27.48 19.88
CA SER A 101 1.88 -28.64 19.65
C SER A 101 3.17 -28.24 18.95
N PRO A 102 4.34 -28.62 19.46
CA PRO A 102 5.59 -28.28 18.77
C PRO A 102 5.87 -29.14 17.55
N ASN A 103 5.14 -30.24 17.36
CA ASN A 103 5.58 -31.22 16.39
C ASN A 103 4.46 -31.79 15.54
N SER A 104 3.25 -31.25 15.61
CA SER A 104 2.17 -31.74 14.75
C SER A 104 1.34 -30.57 14.26
N PHE A 105 0.93 -30.65 12.99
CA PHE A 105 0.32 -29.55 12.29
C PHE A 105 -0.77 -30.06 11.36
N ARG A 106 -1.56 -29.11 10.86
CA ARG A 106 -2.49 -29.31 9.76
C ARG A 106 -2.20 -28.28 8.67
N LEU A 107 -2.40 -28.68 7.42
CA LEU A 107 -2.23 -27.74 6.32
C LEU A 107 -3.34 -26.71 6.35
N GLU A 108 -2.99 -25.47 5.96
CA GLU A 108 -3.92 -24.35 6.03
C GLU A 108 -3.70 -23.45 4.83
N LYS A 109 -4.78 -22.96 4.26
CA LYS A 109 -4.71 -22.03 3.14
C LYS A 109 -5.17 -20.66 3.61
N ILE A 110 -4.35 -19.63 3.38
CA ILE A 110 -4.69 -18.29 3.83
C ILE A 110 -4.50 -17.31 2.67
N LEU A 111 -5.28 -16.26 2.70
CA LEU A 111 -5.16 -15.18 1.72
C LEU A 111 -4.32 -14.06 2.32
N VAL A 112 -3.33 -13.61 1.56
CA VAL A 112 -2.38 -12.60 2.01
C VAL A 112 -2.23 -11.54 0.94
N SER A 113 -1.96 -10.31 1.39
CA SER A 113 -1.64 -9.19 0.50
C SER A 113 -0.14 -9.07 0.37
N VAL A 114 0.35 -9.05 -0.86
CA VAL A 114 1.79 -9.11 -1.09
C VAL A 114 2.37 -7.74 -1.42
N GLY A 115 1.69 -7.00 -2.28
CA GLY A 115 2.06 -5.64 -2.61
C GLY A 115 0.83 -4.96 -3.17
N CYS A 116 1.03 -3.79 -3.77
CA CYS A 116 -0.09 -3.09 -4.39
C CYS A 116 0.26 -2.71 -5.82
N THR A 117 -0.78 -2.57 -6.63
CA THR A 117 -0.63 -2.15 -8.00
C THR A 117 -1.59 -0.98 -8.24
N CYS A 118 -1.44 -0.31 -9.37
CA CYS A 118 -2.30 0.82 -9.71
C CYS A 118 -3.19 0.42 -10.88
N VAL A 119 -4.51 0.52 -10.70
CA VAL A 119 -5.43 0.10 -11.75
C VAL A 119 -6.28 1.26 -12.25
N THR A 120 -6.68 1.15 -13.51
CA THR A 120 -7.72 1.99 -14.08
C THR A 120 -9.07 1.56 -13.54
N PRO A 121 -9.93 2.49 -13.04
CA PRO A 121 -11.24 2.10 -12.51
C PRO A 121 -12.20 1.48 -13.53
N THR B 16 11.75 -33.55 12.52
CA THR B 16 10.61 -34.12 11.82
C THR B 16 9.32 -33.85 12.57
N VAL B 17 8.29 -33.36 11.88
CA VAL B 17 6.99 -33.11 12.49
C VAL B 17 5.92 -33.89 11.71
N MET B 18 4.71 -33.93 12.27
CA MET B 18 3.63 -34.65 11.64
C MET B 18 2.72 -33.58 11.04
N VAL B 19 2.25 -33.79 9.81
CA VAL B 19 1.35 -32.85 9.17
C VAL B 19 0.12 -33.59 8.66
N ASN B 20 -1.04 -33.04 8.95
CA ASN B 20 -2.31 -33.51 8.43
C ASN B 20 -2.60 -32.79 7.11
N LEU B 21 -2.66 -33.55 6.01
CA LEU B 21 -2.86 -32.99 4.69
C LEU B 21 -4.28 -32.53 4.44
N ASN B 22 -5.22 -32.84 5.33
CA ASN B 22 -6.59 -32.42 5.19
C ASN B 22 -6.67 -30.92 5.45
N ILE B 23 -6.66 -30.11 4.39
CA ILE B 23 -6.58 -28.66 4.50
C ILE B 23 -7.79 -28.03 5.17
N HIS B 24 -7.53 -27.00 5.96
CA HIS B 24 -8.53 -26.09 6.51
C HIS B 24 -8.28 -24.69 5.97
N ASN B 25 -9.34 -23.97 5.67
CA ASN B 25 -9.20 -22.56 5.26
C ASN B 25 -9.31 -21.61 6.46
N SER B 36 -11.38 -10.33 -9.61
CA SER B 36 -10.58 -9.10 -9.51
C SER B 36 -9.44 -9.07 -10.54
N ASP B 37 -9.81 -8.69 -11.77
CA ASP B 37 -8.96 -8.68 -12.95
C ASP B 37 -7.91 -7.58 -12.95
N TYR B 38 -7.26 -7.38 -11.81
CA TYR B 38 -6.21 -6.37 -11.72
C TYR B 38 -5.12 -6.61 -12.75
N TYR B 39 -4.80 -7.87 -13.02
CA TYR B 39 -3.69 -8.18 -13.93
C TYR B 39 -3.86 -7.50 -15.28
N ASN B 40 -5.11 -7.24 -15.68
CA ASN B 40 -5.44 -6.61 -16.95
C ASN B 40 -5.55 -5.09 -16.88
N ARG B 41 -6.09 -4.57 -15.79
CA ARG B 41 -6.33 -3.13 -15.69
C ARG B 41 -5.20 -2.35 -15.04
N SER B 42 -4.15 -3.03 -14.57
CA SER B 42 -3.02 -2.37 -13.92
C SER B 42 -2.24 -1.53 -14.92
N THR B 43 -1.61 -0.44 -14.44
CA THR B 43 -0.69 0.26 -15.33
C THR B 43 0.57 -0.54 -15.59
N SER B 44 0.84 -1.55 -14.76
CA SER B 44 1.88 -2.54 -15.00
C SER B 44 1.19 -3.89 -15.14
N PRO B 45 0.48 -4.13 -16.24
CA PRO B 45 -0.29 -5.38 -16.37
C PRO B 45 0.63 -6.58 -16.49
N TRP B 46 0.09 -7.76 -16.17
CA TRP B 46 0.89 -8.97 -16.17
C TRP B 46 0.09 -10.15 -16.68
N ASN B 47 0.81 -11.22 -16.96
CA ASN B 47 0.27 -12.46 -17.46
C ASN B 47 0.50 -13.53 -16.40
N LEU B 48 -0.36 -14.54 -16.39
CA LEU B 48 -0.31 -15.59 -15.38
C LEU B 48 0.00 -16.92 -16.04
N HIS B 49 1.01 -17.62 -15.54
CA HIS B 49 1.36 -18.94 -16.06
C HIS B 49 1.54 -19.93 -14.91
N ARG B 50 1.31 -21.21 -15.25
CA ARG B 50 1.41 -22.29 -14.29
C ARG B 50 2.85 -22.58 -13.94
N ASN B 51 3.12 -22.72 -12.66
CA ASN B 51 4.35 -23.33 -12.17
C ASN B 51 3.94 -24.68 -11.59
N GLU B 52 4.18 -25.77 -12.34
CA GLU B 52 3.73 -27.10 -11.94
C GLU B 52 4.92 -27.98 -11.59
N ASP B 53 4.77 -28.76 -10.52
CA ASP B 53 5.77 -29.72 -10.10
C ASP B 53 5.10 -30.89 -9.38
N PRO B 54 5.08 -32.10 -9.98
CA PRO B 54 4.41 -33.23 -9.32
C PRO B 54 5.07 -33.64 -8.02
N GLU B 55 6.32 -33.25 -7.78
CA GLU B 55 6.99 -33.56 -6.54
C GLU B 55 6.71 -32.56 -5.43
N ARG B 56 5.76 -31.65 -5.61
CA ARG B 56 5.61 -30.57 -4.66
C ARG B 56 4.15 -30.38 -4.28
N TYR B 57 3.94 -29.93 -3.05
CA TYR B 57 2.65 -29.45 -2.62
C TYR B 57 2.78 -27.96 -2.31
N PRO B 58 1.96 -27.08 -2.92
CA PRO B 58 0.97 -27.41 -3.97
C PRO B 58 1.68 -27.74 -5.25
N SER B 59 1.10 -28.65 -6.04
CA SER B 59 1.71 -28.99 -7.32
C SER B 59 1.60 -27.87 -8.35
N VAL B 60 0.64 -26.94 -8.21
CA VAL B 60 0.44 -25.87 -9.18
C VAL B 60 0.44 -24.53 -8.43
N ILE B 61 1.28 -23.61 -8.89
CA ILE B 61 1.41 -22.25 -8.36
C ILE B 61 1.32 -21.32 -9.56
N TRP B 62 0.40 -20.36 -9.51
CA TRP B 62 0.19 -19.40 -10.60
C TRP B 62 1.07 -18.18 -10.37
N GLU B 63 1.98 -17.90 -11.30
CA GLU B 63 2.95 -16.82 -11.15
C GLU B 63 2.77 -15.77 -12.25
N ALA B 64 3.22 -14.55 -11.94
CA ALA B 64 3.03 -13.38 -12.80
C ALA B 64 4.29 -13.06 -13.60
N LYS B 65 4.10 -12.61 -14.84
CA LYS B 65 5.17 -12.02 -15.64
C LYS B 65 4.66 -10.68 -16.14
N CYS B 66 5.43 -9.62 -15.93
CA CYS B 66 5.01 -8.30 -16.38
C CYS B 66 4.93 -8.26 -17.90
N ARG B 67 3.87 -7.63 -18.42
CA ARG B 67 3.69 -7.60 -19.86
C ARG B 67 4.67 -6.66 -20.56
N HIS B 68 5.11 -5.59 -19.90
CA HIS B 68 6.01 -4.62 -20.54
C HIS B 68 7.13 -4.20 -19.60
N LEU B 69 8.16 -3.64 -20.22
CA LEU B 69 9.22 -2.97 -19.48
C LEU B 69 8.72 -1.68 -18.87
N GLY B 70 7.94 -0.90 -19.63
CA GLY B 70 7.40 0.35 -19.16
C GLY B 70 6.05 0.15 -18.48
N CYS B 71 5.39 1.27 -18.18
CA CYS B 71 4.05 1.29 -17.61
C CYS B 71 3.09 2.01 -18.56
N ILE B 72 1.84 1.54 -18.59
CA ILE B 72 0.81 2.09 -19.46
C ILE B 72 0.38 3.47 -18.99
N ASN B 73 0.34 4.44 -19.91
CA ASN B 73 -0.09 5.80 -19.58
C ASN B 73 -1.57 5.97 -19.86
N ALA B 74 -2.06 7.20 -19.71
CA ALA B 74 -3.49 7.46 -19.89
C ALA B 74 -3.97 7.10 -21.30
N ASP B 75 -3.20 7.44 -22.32
CA ASP B 75 -3.61 7.15 -23.68
C ASP B 75 -3.55 5.68 -24.04
N GLY B 76 -2.97 4.84 -23.17
CA GLY B 76 -2.87 3.42 -23.43
C GLY B 76 -1.57 2.98 -24.04
N ASN B 77 -0.55 3.84 -24.05
CA ASN B 77 0.75 3.52 -24.60
C ASN B 77 1.75 3.25 -23.49
N VAL B 78 2.78 2.50 -23.83
CA VAL B 78 3.83 2.16 -22.86
C VAL B 78 4.74 3.35 -22.66
N ASP B 79 4.91 3.75 -21.41
CA ASP B 79 5.80 4.85 -21.01
C ASP B 79 7.02 4.24 -20.35
N TYR B 80 8.18 4.35 -21.03
CA TYR B 80 9.44 3.83 -20.51
C TYR B 80 10.09 4.77 -19.50
N HIS B 81 9.42 5.83 -19.08
CA HIS B 81 9.95 6.62 -17.98
C HIS B 81 9.59 6.02 -16.62
N MET B 82 8.79 4.96 -16.63
CA MET B 82 8.36 4.17 -15.49
C MET B 82 8.67 2.71 -15.84
N ASN B 83 8.85 1.86 -14.83
CA ASN B 83 9.12 0.44 -15.06
C ASN B 83 8.04 -0.43 -14.43
N SER B 84 7.57 -1.43 -15.18
CA SER B 84 6.79 -2.52 -14.59
C SER B 84 7.77 -3.43 -13.86
N VAL B 85 7.51 -3.74 -12.60
N VAL B 85 7.45 -3.79 -12.63
CA VAL B 85 8.38 -4.66 -11.89
CA VAL B 85 8.36 -4.62 -11.84
C VAL B 85 7.52 -5.70 -11.18
C VAL B 85 7.56 -5.68 -11.09
N PRO B 86 8.02 -6.93 -11.04
CA PRO B 86 7.24 -7.98 -10.37
C PRO B 86 7.35 -7.88 -8.85
N ILE B 87 6.24 -8.14 -8.17
CA ILE B 87 6.22 -8.12 -6.71
C ILE B 87 6.44 -9.56 -6.27
N GLN B 88 7.56 -9.82 -5.59
CA GLN B 88 7.89 -11.18 -5.22
C GLN B 88 7.87 -11.40 -3.73
N GLN B 89 7.67 -12.67 -3.35
CA GLN B 89 7.74 -13.05 -1.94
C GLN B 89 8.22 -14.49 -1.82
N GLU B 90 8.67 -14.83 -0.62
CA GLU B 90 9.11 -16.18 -0.31
C GLU B 90 7.98 -16.92 0.40
N ILE B 91 7.67 -18.11 -0.10
CA ILE B 91 6.54 -18.89 0.39
C ILE B 91 6.99 -20.30 0.71
N LEU B 92 6.14 -21.00 1.46
CA LEU B 92 6.31 -22.37 1.93
C LEU B 92 5.81 -23.41 0.93
N VAL B 93 6.64 -24.37 0.59
CA VAL B 93 6.17 -25.54 -0.15
C VAL B 93 6.72 -26.81 0.49
N LEU B 94 6.11 -27.94 0.13
CA LEU B 94 6.53 -29.26 0.58
C LEU B 94 7.06 -30.05 -0.62
N ARG B 95 8.27 -30.59 -0.50
CA ARG B 95 8.84 -31.40 -1.57
C ARG B 95 8.95 -32.85 -1.11
N ARG B 96 8.43 -33.78 -1.92
CA ARG B 96 8.48 -35.20 -1.55
C ARG B 96 9.92 -35.64 -1.34
N GLU B 97 10.19 -36.18 -0.15
CA GLU B 97 11.50 -36.69 0.22
C GLU B 97 11.34 -38.01 0.95
N PRO B 98 11.83 -39.13 0.38
CA PRO B 98 12.52 -39.19 -0.91
C PRO B 98 11.58 -38.97 -2.08
N PRO B 99 12.13 -38.75 -3.26
CA PRO B 99 11.28 -38.46 -4.42
C PRO B 99 10.22 -39.53 -4.60
N HIS B 100 9.02 -39.07 -4.97
CA HIS B 100 7.83 -39.87 -5.22
C HIS B 100 7.16 -40.37 -3.95
N SER B 101 7.72 -40.12 -2.77
CA SER B 101 7.08 -40.56 -1.53
C SER B 101 5.72 -39.87 -1.36
N PRO B 102 4.65 -40.62 -1.06
CA PRO B 102 3.36 -39.98 -0.80
C PRO B 102 3.21 -39.45 0.62
N ASN B 103 4.10 -39.81 1.55
CA ASN B 103 3.89 -39.50 2.97
C ASN B 103 5.10 -38.90 3.65
N SER B 104 6.14 -38.50 2.91
CA SER B 104 7.37 -37.99 3.51
C SER B 104 7.83 -36.76 2.73
N PHE B 105 8.09 -35.65 3.44
CA PHE B 105 8.34 -34.37 2.78
C PHE B 105 9.47 -33.59 3.44
N ARG B 106 9.99 -32.63 2.68
CA ARG B 106 10.93 -31.62 3.16
C ARG B 106 10.34 -30.23 2.93
N LEU B 107 10.36 -29.42 3.97
CA LEU B 107 9.91 -28.03 3.89
C LEU B 107 10.86 -27.21 3.02
N GLU B 108 10.30 -26.48 2.04
CA GLU B 108 11.11 -25.62 1.19
C GLU B 108 10.57 -24.19 1.15
N LYS B 109 11.48 -23.23 1.01
CA LYS B 109 11.19 -21.81 0.85
C LYS B 109 11.54 -21.42 -0.57
N ILE B 110 10.58 -20.86 -1.30
CA ILE B 110 10.81 -20.51 -2.70
C ILE B 110 10.30 -19.10 -3.00
N LEU B 111 10.94 -18.49 -3.98
CA LEU B 111 10.65 -17.14 -4.43
C LEU B 111 9.71 -17.18 -5.63
N VAL B 112 8.59 -16.46 -5.53
CA VAL B 112 7.55 -16.49 -6.54
C VAL B 112 7.18 -15.06 -6.90
N SER B 113 6.68 -14.88 -8.11
CA SER B 113 6.22 -13.59 -8.61
C SER B 113 4.71 -13.61 -8.60
N VAL B 114 4.10 -12.67 -7.89
CA VAL B 114 2.67 -12.69 -7.62
C VAL B 114 1.90 -11.79 -8.59
N GLY B 115 2.40 -10.58 -8.80
CA GLY B 115 1.82 -9.61 -9.70
C GLY B 115 2.87 -8.57 -9.98
N CYS B 116 2.49 -7.49 -10.66
CA CYS B 116 3.44 -6.44 -10.99
C CYS B 116 2.94 -5.06 -10.54
N THR B 117 3.89 -4.17 -10.30
CA THR B 117 3.63 -2.81 -9.88
C THR B 117 4.46 -1.86 -10.74
N CYS B 118 4.17 -0.56 -10.64
CA CYS B 118 4.83 0.46 -11.45
C CYS B 118 5.70 1.32 -10.54
N VAL B 119 7.01 1.36 -10.81
CA VAL B 119 7.91 2.14 -9.96
C VAL B 119 8.57 3.24 -10.78
N THR B 120 8.82 4.34 -10.11
CA THR B 120 9.51 5.52 -10.59
C THR B 120 11.02 5.37 -10.38
N PRO B 121 11.83 5.81 -11.35
CA PRO B 121 13.28 5.64 -11.26
C PRO B 121 13.91 6.59 -10.24
N PRO C 14 -30.33 39.11 0.54
CA PRO C 14 -29.80 39.34 -0.81
C PRO C 14 -29.76 38.07 -1.68
N ARG C 15 -30.35 38.10 -2.88
CA ARG C 15 -30.30 36.95 -3.79
C ARG C 15 -28.86 36.65 -4.20
N THR C 16 -28.24 37.56 -4.97
CA THR C 16 -26.88 37.36 -5.46
C THR C 16 -25.87 38.00 -4.51
N VAL C 17 -24.81 37.25 -4.20
CA VAL C 17 -23.72 37.77 -3.39
C VAL C 17 -22.44 37.57 -4.18
N MET C 18 -21.42 38.32 -3.79
CA MET C 18 -20.09 38.19 -4.37
C MET C 18 -19.29 37.26 -3.48
N VAL C 19 -18.50 36.39 -4.11
CA VAL C 19 -17.68 35.43 -3.38
C VAL C 19 -16.27 35.45 -3.94
N ASN C 20 -15.30 35.57 -3.05
CA ASN C 20 -13.88 35.41 -3.37
C ASN C 20 -13.52 33.92 -3.28
N LEU C 21 -13.13 33.33 -4.40
CA LEU C 21 -12.89 31.90 -4.48
C LEU C 21 -11.57 31.47 -3.87
N ASN C 22 -10.68 32.41 -3.57
CA ASN C 22 -9.38 32.06 -2.99
C ASN C 22 -9.58 31.63 -1.55
N ILE C 23 -9.65 30.32 -1.33
CA ILE C 23 -9.97 29.76 -0.02
C ILE C 23 -8.87 30.11 0.98
N SER C 36 -7.20 9.32 9.31
CA SER C 36 -8.15 8.62 10.17
C SER C 36 -8.63 7.31 9.54
N ASP C 37 -8.04 6.21 10.00
CA ASP C 37 -8.34 4.84 9.58
C ASP C 37 -9.62 4.28 10.20
N TYR C 38 -10.55 5.16 10.61
CA TYR C 38 -11.74 4.71 11.33
C TYR C 38 -12.64 3.83 10.47
N TYR C 39 -12.71 4.08 9.16
CA TYR C 39 -13.66 3.37 8.33
C TYR C 39 -13.49 1.86 8.41
N ASN C 40 -12.28 1.39 8.72
CA ASN C 40 -12.01 -0.03 8.92
C ASN C 40 -12.08 -0.47 10.38
N ARG C 41 -11.58 0.34 11.31
CA ARG C 41 -11.52 -0.05 12.71
C ARG C 41 -12.86 0.10 13.45
N SER C 42 -13.84 0.76 12.85
CA SER C 42 -15.13 0.98 13.49
C SER C 42 -15.90 -0.33 13.62
N THR C 43 -16.73 -0.44 14.66
CA THR C 43 -17.65 -1.58 14.73
C THR C 43 -18.80 -1.44 13.73
N SER C 44 -18.96 -0.28 13.12
CA SER C 44 -19.85 -0.07 12.00
C SER C 44 -18.98 0.41 10.84
N PRO C 45 -18.16 -0.47 10.27
CA PRO C 45 -17.24 -0.05 9.22
C PRO C 45 -17.99 0.39 7.97
N TRP C 46 -17.31 1.17 7.14
CA TRP C 46 -17.90 1.75 5.93
C TRP C 46 -16.94 1.72 4.75
N ASN C 47 -17.53 1.78 3.56
CA ASN C 47 -16.80 1.92 2.31
C ASN C 47 -16.77 3.39 1.91
N LEU C 48 -15.63 3.81 1.34
CA LEU C 48 -15.46 5.19 0.91
C LEU C 48 -15.84 5.32 -0.54
N HIS C 49 -16.58 6.39 -0.87
CA HIS C 49 -16.93 6.68 -2.25
C HIS C 49 -16.50 8.10 -2.56
N ARG C 50 -15.83 8.28 -3.71
CA ARG C 50 -15.39 9.60 -4.13
C ARG C 50 -16.51 10.28 -4.88
N ASN C 51 -17.09 11.30 -4.27
CA ASN C 51 -18.14 12.09 -4.89
C ASN C 51 -17.43 13.26 -5.53
N GLU C 52 -17.26 13.21 -6.85
CA GLU C 52 -16.42 14.19 -7.54
C GLU C 52 -17.19 14.87 -8.65
N ASP C 53 -17.12 16.20 -8.68
CA ASP C 53 -17.68 17.01 -9.75
C ASP C 53 -16.68 18.12 -10.00
N PRO C 54 -15.94 18.05 -11.11
CA PRO C 54 -14.85 19.03 -11.35
C PRO C 54 -15.32 20.48 -11.50
N GLU C 55 -16.60 20.72 -11.80
CA GLU C 55 -17.07 22.10 -11.86
C GLU C 55 -17.87 22.49 -10.62
N ARG C 56 -17.62 21.83 -9.49
CA ARG C 56 -18.30 22.12 -8.24
C ARG C 56 -17.27 22.51 -7.19
N TYR C 57 -17.67 23.37 -6.26
CA TYR C 57 -16.90 23.67 -5.05
C TYR C 57 -17.67 23.16 -3.87
N PRO C 58 -17.15 22.23 -3.04
CA PRO C 58 -15.87 21.55 -3.23
C PRO C 58 -15.98 20.56 -4.36
N SER C 59 -14.87 20.36 -5.06
CA SER C 59 -14.88 19.47 -6.21
C SER C 59 -14.97 18.01 -5.78
N VAL C 60 -14.27 17.63 -4.71
CA VAL C 60 -14.22 16.24 -4.27
C VAL C 60 -14.72 16.16 -2.84
N ILE C 61 -15.71 15.29 -2.63
CA ILE C 61 -16.33 15.06 -1.34
C ILE C 61 -16.30 13.56 -1.09
N TRP C 62 -15.67 13.12 -0.01
CA TRP C 62 -15.56 11.71 0.34
C TRP C 62 -16.74 11.28 1.19
N GLU C 63 -17.51 10.31 0.70
CA GLU C 63 -18.71 9.85 1.36
C GLU C 63 -18.58 8.42 1.86
N ALA C 64 -19.37 8.09 2.86
CA ALA C 64 -19.35 6.77 3.49
C ALA C 64 -20.60 6.00 3.13
N LYS C 65 -20.44 4.70 2.90
CA LYS C 65 -21.57 3.79 2.75
C LYS C 65 -21.33 2.67 3.75
N CYS C 66 -22.29 2.43 4.66
CA CYS C 66 -22.06 1.37 5.65
C CYS C 66 -21.88 0.03 4.97
N ARG C 67 -20.94 -0.74 5.49
CA ARG C 67 -20.55 -1.98 4.86
C ARG C 67 -21.56 -3.10 5.13
N HIS C 68 -22.13 -3.18 6.34
CA HIS C 68 -23.09 -4.22 6.68
C HIS C 68 -24.36 -3.61 7.27
N LEU C 69 -25.42 -4.43 7.33
CA LEU C 69 -26.63 -4.06 8.08
C LEU C 69 -26.39 -4.12 9.59
N GLY C 70 -25.63 -5.10 10.06
CA GLY C 70 -25.30 -5.20 11.48
C GLY C 70 -23.98 -4.54 11.83
N CYS C 71 -23.56 -4.72 13.07
CA CYS C 71 -22.28 -4.22 13.57
C CYS C 71 -21.31 -5.37 13.82
N ILE C 72 -20.01 -5.05 13.85
CA ILE C 72 -18.99 -6.06 14.13
C ILE C 72 -18.86 -6.24 15.64
N ASN C 73 -18.92 -7.48 16.12
CA ASN C 73 -18.82 -7.73 17.55
C ASN C 73 -17.37 -7.99 17.96
N ALA C 74 -17.17 -8.27 19.24
CA ALA C 74 -15.82 -8.45 19.77
C ALA C 74 -15.09 -9.63 19.13
N ASP C 75 -15.81 -10.57 18.54
CA ASP C 75 -15.20 -11.70 17.84
C ASP C 75 -14.88 -11.38 16.39
N GLY C 76 -15.25 -10.18 15.92
CA GLY C 76 -15.05 -9.83 14.53
C GLY C 76 -16.12 -10.35 13.59
N ASN C 77 -17.28 -10.75 14.11
CA ASN C 77 -18.37 -11.25 13.29
C ASN C 77 -19.48 -10.21 13.18
N VAL C 78 -20.14 -10.20 12.03
CA VAL C 78 -21.32 -9.35 11.87
C VAL C 78 -22.39 -9.84 12.84
N ASP C 79 -22.88 -8.93 13.66
CA ASP C 79 -23.92 -9.21 14.64
C ASP C 79 -25.14 -8.36 14.30
N TYR C 80 -26.28 -8.99 14.05
CA TYR C 80 -27.44 -8.25 13.59
C TYR C 80 -28.36 -7.79 14.72
N HIS C 81 -27.98 -7.99 15.98
CA HIS C 81 -28.78 -7.37 17.03
C HIS C 81 -28.49 -5.88 17.19
N MET C 82 -27.51 -5.34 16.47
CA MET C 82 -27.28 -3.90 16.35
C MET C 82 -27.23 -3.56 14.87
N ASN C 83 -27.39 -2.27 14.53
CA ASN C 83 -27.36 -1.84 13.13
C ASN C 83 -26.26 -0.82 12.86
N SER C 84 -25.57 -0.98 11.72
CA SER C 84 -24.72 0.09 11.20
C SER C 84 -25.62 1.07 10.45
N VAL C 85 -25.54 2.35 10.81
CA VAL C 85 -26.29 3.40 10.09
C VAL C 85 -25.35 4.55 9.74
N PRO C 86 -25.61 5.28 8.66
CA PRO C 86 -24.76 6.42 8.31
C PRO C 86 -25.04 7.67 9.14
N ILE C 87 -23.96 8.38 9.46
CA ILE C 87 -24.01 9.71 10.06
C ILE C 87 -24.09 10.71 8.90
N GLN C 88 -25.23 11.36 8.75
CA GLN C 88 -25.46 12.22 7.60
C GLN C 88 -25.67 13.67 8.02
N GLN C 89 -25.25 14.60 7.16
CA GLN C 89 -25.51 16.01 7.41
C GLN C 89 -25.69 16.76 6.11
N GLU C 90 -26.28 17.95 6.21
CA GLU C 90 -26.50 18.82 5.07
C GLU C 90 -25.37 19.84 5.01
N ILE C 91 -24.72 19.92 3.85
CA ILE C 91 -23.62 20.83 3.62
C ILE C 91 -23.88 21.67 2.38
N LEU C 92 -23.06 22.69 2.23
CA LEU C 92 -23.13 23.72 1.21
C LEU C 92 -22.18 23.37 0.06
N VAL C 93 -22.66 23.46 -1.18
CA VAL C 93 -21.81 23.36 -2.36
C VAL C 93 -22.21 24.47 -3.34
N LEU C 94 -21.30 24.76 -4.28
CA LEU C 94 -21.51 25.77 -5.31
C LEU C 94 -21.42 25.09 -6.67
N ARG C 95 -22.45 25.28 -7.49
CA ARG C 95 -22.52 24.74 -8.84
C ARG C 95 -22.53 25.88 -9.85
N ARG C 96 -21.76 25.73 -10.92
CA ARG C 96 -21.73 26.74 -11.97
C ARG C 96 -23.09 26.87 -12.62
N GLU C 97 -23.57 28.09 -12.75
CA GLU C 97 -24.87 28.36 -13.33
C GLU C 97 -24.75 29.54 -14.28
N PRO C 98 -24.85 29.32 -15.60
CA PRO C 98 -25.02 28.04 -16.28
C PRO C 98 -23.78 27.14 -16.20
N PRO C 99 -23.90 25.87 -16.59
CA PRO C 99 -22.75 24.97 -16.57
C PRO C 99 -21.57 25.58 -17.30
N HIS C 100 -20.37 25.39 -16.70
CA HIS C 100 -19.09 25.90 -17.16
C HIS C 100 -18.95 27.41 -17.04
N SER C 101 -19.93 28.11 -16.47
CA SER C 101 -19.76 29.54 -16.27
C SER C 101 -18.53 29.77 -15.42
N PRO C 102 -17.59 30.62 -15.85
CA PRO C 102 -16.41 30.87 -15.02
C PRO C 102 -16.67 31.73 -13.79
N ASN C 103 -17.80 32.45 -13.71
CA ASN C 103 -17.92 33.50 -12.71
C ASN C 103 -19.30 33.57 -12.06
N SER C 104 -20.13 32.54 -12.22
CA SER C 104 -21.53 32.54 -11.81
C SER C 104 -21.88 31.17 -11.24
N PHE C 105 -22.47 31.17 -10.04
CA PHE C 105 -22.70 29.93 -9.29
C PHE C 105 -24.06 29.96 -8.60
N ARG C 106 -24.57 28.76 -8.35
CA ARG C 106 -25.77 28.53 -7.56
C ARG C 106 -25.39 27.79 -6.28
N LEU C 107 -25.84 28.27 -5.13
CA LEU C 107 -25.60 27.57 -3.87
C LEU C 107 -26.61 26.44 -3.70
N GLU C 108 -26.13 25.23 -3.39
CA GLU C 108 -27.04 24.12 -3.12
C GLU C 108 -26.73 23.50 -1.77
N LYS C 109 -27.77 22.95 -1.16
CA LYS C 109 -27.68 22.25 0.10
C LYS C 109 -27.87 20.78 -0.23
N ILE C 110 -26.90 19.95 0.12
CA ILE C 110 -26.95 18.54 -0.22
C ILE C 110 -26.71 17.70 1.03
N LEU C 111 -27.32 16.51 1.04
CA LEU C 111 -27.16 15.55 2.12
C LEU C 111 -26.02 14.60 1.78
N VAL C 112 -25.08 14.43 2.71
CA VAL C 112 -23.93 13.57 2.49
C VAL C 112 -23.76 12.66 3.71
N SER C 113 -23.09 11.55 3.50
CA SER C 113 -22.78 10.59 4.58
C SER C 113 -21.30 10.69 4.90
N VAL C 114 -20.99 10.93 6.16
CA VAL C 114 -19.60 11.21 6.54
C VAL C 114 -18.95 9.95 7.09
N GLY C 115 -19.73 9.10 7.75
CA GLY C 115 -19.25 7.84 8.25
C GLY C 115 -20.43 7.05 8.75
N CYS C 116 -20.17 6.01 9.53
CA CYS C 116 -21.23 5.17 10.06
C CYS C 116 -21.02 4.97 11.55
N THR C 117 -22.13 4.73 12.25
CA THR C 117 -22.16 4.47 13.68
C THR C 117 -23.02 3.23 13.91
N CYS C 118 -22.95 2.69 15.12
CA CYS C 118 -23.65 1.46 15.48
C CYS C 118 -24.74 1.80 16.48
N VAL C 119 -25.99 1.47 16.16
CA VAL C 119 -27.10 1.84 17.03
C VAL C 119 -27.88 0.60 17.46
N THR C 120 -28.57 0.76 18.59
CA THR C 120 -29.52 -0.25 19.04
C THR C 120 -30.75 -0.23 18.14
N PRO C 121 -31.32 -1.39 17.83
CA PRO C 121 -32.40 -1.44 16.84
C PRO C 121 -33.71 -0.89 17.39
N ILE C 122 -34.64 -0.68 16.45
CA ILE C 122 -36.01 -0.28 16.76
C ILE C 122 -36.93 -1.50 16.87
N THR D 16 7.10 42.01 -1.96
CA THR D 16 8.44 41.89 -2.51
C THR D 16 9.48 42.55 -1.61
N VAL D 17 10.50 41.80 -1.24
CA VAL D 17 11.58 42.30 -0.39
C VAL D 17 12.88 42.06 -1.13
N MET D 18 13.95 42.68 -0.64
CA MET D 18 15.27 42.40 -1.17
C MET D 18 16.04 41.47 -0.25
N VAL D 19 16.80 40.57 -0.86
CA VAL D 19 17.60 39.63 -0.10
C VAL D 19 19.04 39.72 -0.60
N ASN D 20 19.94 40.00 0.32
CA ASN D 20 21.37 39.89 0.11
C ASN D 20 21.77 38.42 0.22
N LEU D 21 22.11 37.81 -0.91
CA LEU D 21 22.37 36.37 -0.91
C LEU D 21 23.67 36.03 -0.20
N ASN D 22 24.47 37.02 0.16
CA ASN D 22 25.72 36.79 0.89
C ASN D 22 26.73 36.05 0.00
N SER D 36 30.98 13.80 7.88
CA SER D 36 30.46 12.81 8.82
C SER D 36 30.14 11.49 8.13
N ASP D 37 30.33 10.38 8.85
CA ASP D 37 30.08 9.05 8.30
C ASP D 37 28.92 8.35 8.99
N TYR D 38 28.07 9.11 9.68
CA TYR D 38 26.93 8.52 10.37
C TYR D 38 26.05 7.71 9.43
N TYR D 39 25.87 8.17 8.19
CA TYR D 39 25.03 7.46 7.23
C TYR D 39 25.48 6.03 7.03
N ASN D 40 26.75 5.74 7.27
CA ASN D 40 27.29 4.39 7.10
C ASN D 40 27.30 3.61 8.40
N ARG D 41 27.60 4.28 9.50
CA ARG D 41 27.81 3.65 10.80
C ARG D 41 26.51 3.46 11.58
N SER D 42 25.40 4.03 11.13
CA SER D 42 24.14 3.96 11.85
C SER D 42 23.52 2.56 11.82
N THR D 43 22.77 2.21 12.87
CA THR D 43 21.95 0.99 12.80
C THR D 43 20.79 1.14 11.81
N SER D 44 20.45 2.37 11.45
CA SER D 44 19.48 2.68 10.40
C SER D 44 20.23 3.47 9.33
N PRO D 45 21.13 2.82 8.58
CA PRO D 45 21.98 3.56 7.62
C PRO D 45 21.19 4.04 6.41
N TRP D 46 21.78 5.00 5.68
CA TRP D 46 21.08 5.57 4.53
C TRP D 46 22.04 5.85 3.39
N ASN D 47 21.48 6.00 2.19
CA ASN D 47 22.20 6.50 1.04
C ASN D 47 21.85 7.97 0.83
N LEU D 48 22.75 8.72 0.21
CA LEU D 48 22.51 10.12 -0.05
C LEU D 48 22.36 10.37 -1.54
N HIS D 49 21.37 11.17 -1.89
CA HIS D 49 21.00 11.45 -3.27
C HIS D 49 21.05 12.95 -3.52
N ARG D 50 21.52 13.33 -4.71
CA ARG D 50 21.56 14.72 -5.15
C ARG D 50 20.18 15.11 -5.62
N ASN D 51 19.52 16.00 -4.90
CA ASN D 51 18.26 16.58 -5.34
C ASN D 51 18.61 17.92 -5.98
N GLU D 52 18.77 17.89 -7.31
CA GLU D 52 19.21 19.03 -8.08
C GLU D 52 18.04 19.68 -8.81
N ASP D 53 17.90 20.99 -8.64
CA ASP D 53 16.84 21.76 -9.28
C ASP D 53 17.39 23.12 -9.72
N PRO D 54 17.52 23.36 -11.04
CA PRO D 54 18.04 24.66 -11.48
C PRO D 54 17.10 25.82 -11.25
N GLU D 55 15.82 25.56 -10.98
CA GLU D 55 14.84 26.58 -10.70
C GLU D 55 14.75 26.92 -9.22
N ARG D 56 15.64 26.38 -8.40
CA ARG D 56 15.57 26.50 -6.95
C ARG D 56 16.89 27.03 -6.42
N TYR D 57 16.83 27.87 -5.39
CA TYR D 57 18.01 28.20 -4.61
C TYR D 57 17.80 27.70 -3.18
N PRO D 58 18.67 26.84 -2.64
CA PRO D 58 19.86 26.27 -3.29
C PRO D 58 19.51 25.26 -4.36
N SER D 59 20.33 25.20 -5.40
CA SER D 59 20.06 24.27 -6.49
C SER D 59 20.29 22.82 -6.07
N VAL D 60 21.19 22.56 -5.13
CA VAL D 60 21.53 21.19 -4.72
C VAL D 60 21.17 20.98 -3.26
N ILE D 61 20.42 19.92 -2.99
CA ILE D 61 20.04 19.50 -1.65
C ILE D 61 20.29 18.00 -1.53
N TRP D 62 21.05 17.60 -0.51
CA TRP D 62 21.40 16.20 -0.30
C TRP D 62 20.33 15.53 0.55
N GLU D 63 19.69 14.51 0.01
CA GLU D 63 18.57 13.86 0.65
C GLU D 63 18.90 12.40 0.91
N ALA D 64 18.36 11.88 2.01
CA ALA D 64 18.65 10.54 2.48
C ALA D 64 17.51 9.59 2.13
N LYS D 65 17.88 8.33 1.89
CA LYS D 65 16.95 7.22 1.75
C LYS D 65 17.46 6.07 2.61
N CYS D 66 16.62 5.58 3.52
CA CYS D 66 17.06 4.49 4.39
C CYS D 66 17.46 3.29 3.55
N ARG D 67 18.43 2.52 4.03
CA ARG D 67 18.89 1.38 3.23
C ARG D 67 18.01 0.16 3.41
N HIS D 68 17.44 -0.05 4.59
CA HIS D 68 16.69 -1.25 4.91
C HIS D 68 15.37 -0.85 5.58
N LEU D 69 14.45 -1.82 5.68
CA LEU D 69 13.25 -1.63 6.51
C LEU D 69 13.53 -1.88 7.99
N GLY D 70 14.35 -2.87 8.29
CA GLY D 70 14.76 -3.14 9.66
C GLY D 70 15.95 -2.29 10.01
N CYS D 71 16.54 -2.62 11.17
CA CYS D 71 17.76 -2.01 11.69
C CYS D 71 18.84 -3.08 11.85
N ILE D 72 20.09 -2.65 11.79
CA ILE D 72 21.23 -3.56 11.90
C ILE D 72 21.45 -3.89 13.37
N ASN D 73 21.47 -5.19 13.69
CA ASN D 73 21.70 -5.60 15.06
C ASN D 73 23.20 -5.74 15.32
N ALA D 74 23.53 -6.05 16.59
CA ALA D 74 24.93 -6.14 16.99
C ALA D 74 25.68 -7.20 16.17
N ASP D 75 24.98 -8.25 15.73
CA ASP D 75 25.59 -9.29 14.91
C ASP D 75 25.80 -8.85 13.48
N GLY D 76 25.36 -7.65 13.11
CA GLY D 76 25.58 -7.11 11.78
C GLY D 76 24.51 -7.43 10.76
N ASN D 77 23.43 -8.08 11.16
CA ASN D 77 22.35 -8.44 10.25
C ASN D 77 21.14 -7.53 10.44
N VAL D 78 20.28 -7.49 9.42
CA VAL D 78 19.05 -6.72 9.52
C VAL D 78 18.08 -7.42 10.44
N ASP D 79 17.53 -6.68 11.39
CA ASP D 79 16.57 -7.17 12.37
C ASP D 79 15.26 -6.44 12.15
N TYR D 80 14.17 -7.19 11.93
CA TYR D 80 12.89 -6.55 11.65
C TYR D 80 12.04 -6.34 12.89
N HIS D 81 12.60 -6.56 14.06
CA HIS D 81 11.90 -6.20 15.28
C HIS D 81 11.92 -4.70 15.54
N MET D 82 12.74 -3.97 14.79
CA MET D 82 12.87 -2.52 14.83
C MET D 82 12.71 -2.00 13.39
N ASN D 83 12.42 -0.70 13.24
CA ASN D 83 12.28 -0.10 11.92
C ASN D 83 13.30 1.02 11.69
N SER D 84 13.90 1.04 10.50
CA SER D 84 14.56 2.23 10.00
C SER D 84 13.49 3.18 9.50
N VAL D 85 13.53 4.45 9.95
CA VAL D 85 12.57 5.43 9.46
C VAL D 85 13.31 6.69 9.06
N PRO D 86 12.95 7.33 7.95
CA PRO D 86 13.60 8.56 7.56
C PRO D 86 13.15 9.71 8.45
N ILE D 87 14.09 10.60 8.75
CA ILE D 87 13.79 11.79 9.52
C ILE D 87 13.63 12.92 8.52
N GLN D 88 12.45 13.49 8.48
CA GLN D 88 12.07 14.47 7.48
C GLN D 88 11.75 15.79 8.16
N GLN D 89 11.99 16.89 7.45
CA GLN D 89 11.65 18.20 7.97
C GLN D 89 11.24 19.10 6.81
N GLU D 90 10.48 20.14 7.16
CA GLU D 90 10.11 21.21 6.26
C GLU D 90 11.16 22.32 6.30
N ILE D 91 11.68 22.70 5.13
CA ILE D 91 12.70 23.73 5.05
C ILE D 91 12.30 24.79 4.02
N LEU D 92 13.04 25.90 4.05
CA LEU D 92 12.79 27.06 3.22
C LEU D 92 13.78 27.11 2.04
N VAL D 93 13.24 27.27 0.83
CA VAL D 93 14.02 27.40 -0.38
C VAL D 93 13.44 28.56 -1.18
N LEU D 94 14.14 28.94 -2.25
CA LEU D 94 13.70 30.02 -3.12
C LEU D 94 13.43 29.46 -4.51
N ARG D 95 12.28 29.79 -5.08
CA ARG D 95 11.88 29.33 -6.40
C ARG D 95 11.90 30.51 -7.38
N ARG D 96 12.61 30.35 -8.49
CA ARG D 96 12.73 31.41 -9.49
C ARG D 96 11.35 31.82 -9.99
N GLU D 97 11.09 33.12 -9.98
CA GLU D 97 9.81 33.67 -10.40
C GLU D 97 9.98 35.06 -11.01
N PRO D 98 9.66 35.25 -12.29
CA PRO D 98 9.14 34.20 -13.18
C PRO D 98 10.19 33.15 -13.49
N PRO D 99 9.77 32.01 -14.04
CA PRO D 99 10.72 30.94 -14.36
C PRO D 99 12.00 31.44 -15.01
N HIS D 100 13.12 30.81 -14.65
CA HIS D 100 14.45 31.09 -15.16
C HIS D 100 15.04 32.42 -14.69
N SER D 101 14.31 33.24 -13.95
CA SER D 101 14.85 34.54 -13.53
C SER D 101 16.12 34.36 -12.72
N PRO D 102 17.21 35.08 -13.05
CA PRO D 102 18.44 34.99 -12.26
C PRO D 102 18.42 35.78 -10.96
N ASN D 103 17.47 36.69 -10.77
CA ASN D 103 17.54 37.61 -9.64
C ASN D 103 16.18 37.81 -8.98
N SER D 104 15.25 36.87 -9.14
CA SER D 104 13.87 37.08 -8.75
C SER D 104 13.27 35.74 -8.30
N PHE D 105 12.64 35.72 -7.11
CA PHE D 105 12.28 34.45 -6.48
C PHE D 105 11.01 34.57 -5.65
N ARG D 106 10.43 33.42 -5.32
CA ARG D 106 9.35 33.30 -4.36
C ARG D 106 9.74 32.35 -3.25
N LEU D 107 9.32 32.66 -2.02
CA LEU D 107 9.53 31.73 -0.91
C LEU D 107 8.76 30.44 -1.13
N GLU D 108 9.34 29.33 -0.65
CA GLU D 108 8.77 28.01 -0.87
C GLU D 108 9.16 27.10 0.27
N LYS D 109 8.19 26.34 0.78
CA LYS D 109 8.38 25.30 1.79
C LYS D 109 8.38 23.92 1.13
N ILE D 110 9.39 23.09 1.45
CA ILE D 110 9.48 21.74 0.91
C ILE D 110 9.85 20.75 2.01
N LEU D 111 9.46 19.49 1.82
CA LEU D 111 9.76 18.42 2.76
C LEU D 111 10.96 17.65 2.25
N VAL D 112 11.94 17.45 3.11
CA VAL D 112 13.14 16.74 2.72
C VAL D 112 13.47 15.69 3.76
N SER D 113 14.10 14.59 3.32
CA SER D 113 14.62 13.54 4.20
C SER D 113 16.09 13.81 4.49
N VAL D 114 16.45 13.84 5.75
CA VAL D 114 17.77 14.29 6.18
C VAL D 114 18.68 13.13 6.54
N GLY D 115 18.15 12.14 7.24
CA GLY D 115 18.85 10.91 7.58
C GLY D 115 17.83 9.91 8.06
N CYS D 116 18.30 8.83 8.68
CA CYS D 116 17.39 7.83 9.22
C CYS D 116 17.75 7.51 10.66
N THR D 117 16.71 7.09 11.41
CA THR D 117 16.84 6.63 12.78
C THR D 117 16.18 5.26 12.89
N CYS D 118 16.40 4.60 14.02
CA CYS D 118 15.83 3.28 14.31
C CYS D 118 14.80 3.44 15.42
N VAL D 119 13.56 3.00 15.17
CA VAL D 119 12.50 3.15 16.16
C VAL D 119 11.96 1.78 16.52
N THR D 120 11.43 1.68 17.74
CA THR D 120 10.66 0.52 18.15
C THR D 120 9.27 0.60 17.52
N PRO D 121 8.68 -0.53 17.11
CA PRO D 121 7.33 -0.43 16.56
C PRO D 121 6.26 -0.54 17.65
C1 XCE E . 3.52 -12.63 1.93
C10 XCE E . 8.41 -14.68 4.56
C11 XCE E . 9.59 -13.74 4.47
C12 XCE E . 9.02 -16.08 4.50
C13 XCE E . 7.99 -17.16 4.76
C14 XCE E . 8.61 -18.51 4.90
C17 XCE E . 8.51 -19.46 3.88
C18 XCE E . 9.09 -20.73 4.02
C19 XCE E . 9.77 -21.08 5.20
C2 XCE E . 3.84 -13.76 1.22
C20 XCE E . 9.87 -20.13 6.22
C21 XCE E . 9.28 -18.86 6.07
C23 XCE E . 11.31 -10.26 4.92
C24 XCE E . 10.71 -10.89 3.87
C26 XCE E . 9.70 -8.93 4.24
C28 XCE E . 10.93 -12.18 3.20
C29 XCE E . 11.29 -11.96 1.76
C3 XCE E . 5.02 -14.26 1.79
C31 XCE E . 9.08 -6.90 5.04
C32 XCE E . 10.16 -6.99 6.08
C33 XCE E . 10.94 -8.08 6.08
C4 XCE E . 5.38 -13.41 2.82
C8 XCE E . 6.49 -13.45 3.74
N15 XCE E . 9.73 -12.99 3.33
N22 XCE E . 7.46 -14.40 3.51
N25 XCE E . 9.71 -10.03 3.48
N27 XCE E . 10.69 -9.05 5.14
N30 XCE E . 8.82 -7.81 4.15
N5 XCE E . 4.45 -12.42 2.90
O16 XCE E . 10.40 -13.68 5.38
O9 XCE E . 6.53 -12.67 4.68
CL6 XCE E . 2.21 -11.53 1.77
CL7 XCE E . 2.96 -14.41 -0.10
H36 XCE E . 7.83 -14.46 5.45
H37 XCE E . 9.81 -16.16 5.24
H38 XCE E . 9.46 -16.23 3.50
H40 XCE E . 7.28 -17.20 3.92
H39 XCE E . 7.44 -16.93 5.67
H42 XCE E . 8.00 -19.21 2.96
H43 XCE E . 9.01 -21.46 3.22
H44 XCE E . 10.20 -22.06 5.31
H45 XCE E . 10.38 -20.38 7.14
H46 XCE E . 9.36 -18.15 6.88
H48 XCE E . 11.57 -10.69 5.88
H50 XCE E . 11.73 -12.72 3.71
H51 XCE E . 10.49 -11.41 1.24
H53 XCE E . 11.43 -12.92 1.25
H52 XCE E . 12.22 -11.39 1.67
H34 XCE E . 5.57 -15.15 1.48
H54 XCE E . 8.47 -5.99 5.07
H55 XCE E . 10.52 -6.06 6.50
H56 XCE E . 11.97 -8.02 6.41
H41 XCE E . 9.01 -12.98 2.61
H47 XCE E . 7.51 -14.89 2.61
H35 XCE E . 4.45 -11.65 3.57
H49 XCE E . 9.08 -10.21 2.70
C1 XCE F . 1.58 -17.25 -6.04
C10 XCE F . -2.83 -21.11 -5.34
C11 XCE F . -4.11 -20.67 -6.01
C12 XCE F . -3.18 -21.82 -4.03
C13 XCE F . -1.93 -22.39 -3.41
C14 XCE F . -2.34 -23.29 -2.31
C17 XCE F . -2.30 -22.85 -0.99
C18 XCE F . -2.71 -23.68 0.06
C19 XCE F . -3.15 -24.97 -0.21
C2 XCE F . 1.36 -17.27 -4.68
C20 XCE F . -3.20 -25.42 -1.53
C21 XCE F . -2.79 -24.58 -2.58
C23 XCE F . -5.99 -19.54 -9.18
C24 XCE F . -5.49 -18.77 -8.16
C26 XCE F . -4.84 -17.91 -10.13
C28 XCE F . -5.58 -18.85 -6.70
C29 XCE F . -5.98 -17.50 -6.17
C3 XCE F . 0.27 -18.16 -4.48
C31 XCE F . -4.51 -17.52 -12.35
C32 XCE F . -5.33 -18.72 -12.70
C33 XCE F . -5.85 -19.42 -11.68
C4 XCE F . -0.12 -18.62 -5.72
C8 XCE F . -1.16 -19.53 -6.11
N15 XCE F . -4.34 -19.32 -6.13
N22 XCE F . -1.99 -19.95 -5.10
N25 XCE F . -4.77 -17.77 -8.80
N27 XCE F . -5.58 -19.00 -10.39
N30 XCE F . -4.25 -17.11 -11.13
N5 XCE F . 0.68 -18.05 -6.68
O16 XCE F . -4.91 -21.49 -6.44
O9 XCE F . -1.29 -19.88 -7.27
CL6 XCE F . 2.73 -16.37 -6.94
CL7 XCE F . 2.26 -16.40 -3.53
H36 XCE F . -2.29 -21.73 -6.07
H37 XCE F . -3.89 -22.61 -4.22
H38 XCE F . -3.62 -21.10 -3.34
H40 XCE F . -1.28 -21.61 -3.00
H39 XCE F . -1.35 -22.97 -4.14
H42 XCE F . -1.95 -21.84 -0.77
H43 XCE F . -2.67 -23.32 1.08
H44 XCE F . -3.46 -25.62 0.60
H45 XCE F . -3.54 -26.42 -1.75
H46 XCE F . -2.83 -24.93 -3.60
H48 XCE F . -5.98 -20.62 -9.25
H50 XCE F . -6.31 -19.63 -6.41
H51 XCE F . -5.18 -16.78 -6.35
H53 XCE F . -6.18 -17.54 -5.10
H52 XCE F . -6.87 -17.14 -6.68
H34 XCE F . -0.18 -18.43 -3.53
H54 XCE F . -4.10 -16.97 -13.20
H55 XCE F . -5.78 -18.75 -13.68
H56 XCE F . -6.00 -20.50 -11.77
H41 XCE F . -3.63 -18.65 -5.83
H47 XCE F . -2.02 -19.47 -4.21
H35 XCE F . 0.62 -18.21 -7.67
H49 XCE F . -4.27 -17.03 -8.32
C1 XCE G . 18.83 18.40 3.68
C10 XCE G . 23.13 21.95 1.72
C11 XCE G . 24.51 21.32 1.85
C12 XCE G . 23.31 23.43 1.98
C13 XCE G . 22.09 24.17 1.50
C14 XCE G . 22.31 25.64 1.48
C17 XCE G . 21.84 26.43 2.54
C18 XCE G . 22.04 27.81 2.51
C19 XCE G . 22.70 28.42 1.44
C2 XCE G . 18.72 19.51 4.47
C20 XCE G . 23.16 27.62 0.39
C21 XCE G . 22.97 26.24 0.41
C23 XCE G . 27.23 18.49 1.53
C24 XCE G . 26.37 18.86 2.52
C26 XCE G . 26.05 16.71 2.04
C28 XCE G . 26.13 20.14 3.23
C29 XCE G . 26.37 19.94 4.71
C3 XCE G . 19.77 20.37 4.05
C31 XCE G . 26.16 14.62 1.17
C32 XCE G . 27.25 15.07 0.25
C33 XCE G . 27.65 16.35 0.33
C4 XCE G . 20.47 19.75 3.04
C8 XCE G . 21.60 20.13 2.27
N15 XCE G . 24.77 20.57 2.98
N22 XCE G . 22.19 21.32 2.63
N25 XCE G . 25.66 17.73 2.81
N27 XCE G . 27.02 17.16 1.24
N30 XCE G . 25.56 15.38 2.04
N5 XCE G . 19.89 18.53 2.81
O16 XCE G . 25.34 21.49 0.99
O9 XCE G . 22.00 19.43 1.35
CL6 XCE G . 17.90 16.95 3.63
CL7 XCE G . 17.54 19.77 5.69
H36 XCE G . 22.74 21.68 0.73
H37 XCE G . 24.19 23.80 1.45
H38 XCE G . 23.44 23.61 3.06
H40 XCE G . 21.25 23.95 2.16
H39 XCE G . 21.84 23.84 0.49
H42 XCE G . 21.32 25.98 3.37
H43 XCE G . 21.68 28.42 3.35
H44 XCE G . 22.84 29.49 1.43
H45 XCE G . 23.67 28.08 -0.45
H46 XCE G . 23.34 25.63 -0.40
H48 XCE G . 28.29 18.69 1.47
H50 XCE G . 26.78 20.91 2.81
H51 XCE G . 25.67 19.20 5.10
H53 XCE G . 26.23 20.88 5.24
H52 XCE G . 27.38 19.57 4.88
H34 XCE G . 19.99 21.36 4.45
H54 XCE G . 25.86 13.57 1.07
H55 XCE G . 27.91 14.30 -0.14
H56 XCE G . 28.67 16.62 0.12
H41 XCE G . 24.03 20.33 3.62
H47 XCE G . 21.98 21.76 3.52
H35 XCE G . 20.18 17.85 2.14
H49 XCE G . 24.93 17.68 3.51
C1 XCE H . 14.88 21.54 11.43
C10 XCE H . 9.56 23.94 10.46
C11 XCE H . 8.39 23.10 10.93
C12 XCE H . 9.10 24.63 9.19
C13 XCE H . 10.06 25.77 8.90
C14 XCE H . 9.54 26.55 7.74
C17 XCE H . 9.99 26.24 6.45
C18 XCE H . 9.51 26.96 5.36
C19 XCE H . 8.59 27.99 5.56
C2 XCE H . 14.78 21.63 10.07
C20 XCE H . 8.13 28.29 6.84
C21 XCE H . 8.60 27.57 7.93
C23 XCE H . 6.45 21.26 13.60
C24 XCE H . 7.30 20.78 12.63
C26 XCE H . 7.96 20.00 14.62
C28 XCE H . 7.34 20.95 11.16
C29 XCE H . 7.36 19.58 10.51
C3 XCE H . 13.47 22.12 9.81
C31 XCE H . 8.16 19.53 16.81
C32 XCE H . 6.97 20.37 17.09
C33 XCE H . 6.36 20.98 16.06
C4 XCE H . 12.82 22.30 11.01
C8 XCE H . 11.49 22.78 11.29
N15 XCE H . 8.49 21.73 10.78
N22 XCE H . 10.74 23.14 10.21
N25 XCE H . 8.22 20.00 13.30
N27 XCE H . 6.88 20.77 14.82
N30 XCE H . 8.68 19.32 15.62
N5 XCE H . 13.70 21.93 12.01
O16 XCE H . 7.41 23.63 11.41
O9 XCE H . 11.08 22.88 12.44
CL6 XCE H . 16.19 21.01 12.43
CL7 XCE H . 15.98 21.25 8.90
H36 XCE H . 9.84 24.57 11.30
H37 XCE H . 8.09 25.01 9.31
H38 XCE H . 9.12 23.92 8.36
H40 XCE H . 11.04 25.38 8.66
H39 XCE H . 10.13 26.43 9.77
H42 XCE H . 10.71 25.44 6.30
H43 XCE H . 9.86 26.73 4.35
H44 XCE H . 8.22 28.56 4.71
H45 XCE H . 7.40 29.09 6.97
H46 XCE H . 8.25 27.80 8.93
H48 XCE H . 5.37 21.28 13.59
H50 XCE H . 6.47 21.53 10.85
H51 XCE H . 8.27 19.05 10.75
H53 XCE H . 7.29 19.68 9.42
H52 XCE H . 6.51 18.98 10.85
H34 XCE H . 13.04 22.32 8.83
H54 XCE H . 8.63 19.06 17.69
H55 XCE H . 6.88 20.76 18.10
H56 XCE H . 5.85 21.93 16.20
H41 XCE H . 9.33 21.30 10.41
H47 XCE H . 10.99 22.86 9.27
H35 XCE H . 13.50 21.97 13.01
H49 XCE H . 8.99 19.51 12.86
#